data_7UR5
#
_entry.id   7UR5
#
_cell.length_a   1.00
_cell.length_b   1.00
_cell.length_c   1.00
_cell.angle_alpha   90.00
_cell.angle_beta   90.00
_cell.angle_gamma   90.00
#
_symmetry.space_group_name_H-M   'P 1'
#
_entity_poly.entity_id   1
_entity_poly.type   'polyribonucleotide'
_entity_poly.pdbx_seq_one_letter_code
;GGAGGGGAACUUCUAUCUGGUGAUAGACGGGAACUCUAAAUUCCUUGAAAUGCCUCGCCGCAUUGGGUUCGAUUCCCUUC
CCCUCCGCCA
;
_entity_poly.pdbx_strand_id   v,y,w
#